data_9DX8
#
_entry.id   9DX8
#
_cell.length_a   44.778
_cell.length_b   51.590
_cell.length_c   78.168
_cell.angle_alpha   90.00
_cell.angle_beta   93.90
_cell.angle_gamma   90.00
#
_symmetry.space_group_name_H-M   'P 1 21 1'
#
loop_
_entity.id
_entity.type
_entity.pdbx_description
1 polymer 'Cytochrome P450'
2 non-polymer '4-ethenylbenzoic acid'
3 non-polymer 'PROTOPORPHYRIN IX CONTAINING FE'
4 non-polymer 'CHLORIDE ION'
5 non-polymer 'ACETATE ION'
6 water water
#
_entity_poly.entity_id   1
_entity_poly.type   'polypeptide(L)'
_entity_poly.pdbx_seq_one_letter_code
;MISNSSAESISAPPNDSTIPHLAIDPFSLDFFDDPYPDQQTLRDAGPVVYLDKWNVYGVARYAEVHAVLNDPTTFCSSRG
VGLSDFKKEKPWRPPSLILEADPPAHTRPRAVLSKVLSPATMKTIRDGFAAAADAKVDELLQRGCIDAIADLAEAYPLSV
FPDAMGLKQEGREHLLPYAGLVANAFGPPNELRQTAIERSAPHQAYVNEQCQRPNLAPGGFGACIHAFTDTGEITPDEAP
LLVRSLLSAGLQETVNGIGAAVYCLARFPGELQRLRSDPTLARNAFEEAVRFESPVQTFFRTTTREVELGGAVIGEGEKV
LMFLGSANRDPRRWSDPDLYDITRKTSGHVGFGSGVHMCVGQLVARLEGEVMLSALARKVAAIDIDGPVKRRFNNTLRGL
ESLPVKLTPA
;
_entity_poly.pdbx_strand_id   A
#
loop_
_chem_comp.id
_chem_comp.type
_chem_comp.name
_chem_comp.formula
ACT non-polymer 'ACETATE ION' 'C2 H3 O2 -1'
CL non-polymer 'CHLORIDE ION' 'Cl -1'
HEM non-polymer 'PROTOPORPHYRIN IX CONTAINING FE' 'C34 H32 Fe N4 O4'
MW7 non-polymer '4-ethenylbenzoic acid' 'C9 H8 O2'
#
# COMPACT_ATOMS: atom_id res chain seq x y z
N THR A 18 1.21 -6.19 33.60
CA THR A 18 0.62 -4.97 33.05
C THR A 18 0.33 -5.12 31.55
N ILE A 19 1.36 -5.33 30.76
CA ILE A 19 1.19 -5.49 29.31
C ILE A 19 0.94 -6.96 29.01
N PRO A 20 -0.13 -7.30 28.28
CA PRO A 20 -0.37 -8.71 27.96
C PRO A 20 0.62 -9.20 26.90
N HIS A 21 1.10 -10.43 27.10
CA HIS A 21 2.00 -11.09 26.17
C HIS A 21 1.21 -12.11 25.36
N LEU A 22 1.32 -12.03 24.04
CA LEU A 22 0.62 -12.95 23.16
C LEU A 22 1.61 -13.72 22.29
N ALA A 23 1.22 -14.92 21.91
CA ALA A 23 2.05 -15.79 21.06
C ALA A 23 1.63 -15.73 19.60
N ILE A 24 0.61 -14.93 19.27
CA ILE A 24 0.19 -14.76 17.88
C ILE A 24 1.38 -14.32 17.03
N ASP A 25 1.60 -15.02 15.92
CA ASP A 25 2.58 -14.60 14.94
C ASP A 25 1.86 -13.89 13.80
N PRO A 26 1.89 -12.56 13.73
CA PRO A 26 1.16 -11.86 12.65
C PRO A 26 1.82 -11.98 11.28
N PHE A 27 2.94 -12.68 11.18
CA PHE A 27 3.59 -12.92 9.90
C PHE A 27 3.53 -14.40 9.50
N SER A 28 2.69 -15.18 10.15
CA SER A 28 2.52 -16.58 9.79
C SER A 28 1.50 -16.73 8.66
N LEU A 29 1.66 -17.81 7.88
CA LEU A 29 0.71 -18.09 6.80
C LEU A 29 -0.70 -18.29 7.35
N ASP A 30 -0.82 -18.95 8.51
CA ASP A 30 -2.13 -19.16 9.11
C ASP A 30 -2.82 -17.83 9.40
N PHE A 31 -2.05 -16.86 9.91
CA PHE A 31 -2.59 -15.53 10.17
C PHE A 31 -3.00 -14.84 8.87
N PHE A 32 -2.13 -14.89 7.86
CA PHE A 32 -2.44 -14.23 6.59
C PHE A 32 -3.71 -14.79 5.98
N ASP A 33 -3.94 -16.08 6.15
CA ASP A 33 -5.09 -16.76 5.55
C ASP A 33 -6.42 -16.19 6.07
N ASP A 34 -6.47 -15.87 7.36
CA ASP A 34 -7.65 -15.22 7.93
C ASP A 34 -7.20 -14.42 9.14
N PRO A 35 -6.85 -13.15 8.94
CA PRO A 35 -6.27 -12.37 10.05
C PRO A 35 -7.29 -11.77 11.00
N TYR A 36 -8.57 -11.78 10.66
CA TYR A 36 -9.48 -10.89 11.37
C TYR A 36 -9.81 -11.36 12.78
N PRO A 37 -10.01 -12.66 13.04
CA PRO A 37 -10.17 -13.07 14.45
C PRO A 37 -8.95 -12.72 15.30
N ASP A 38 -7.74 -13.00 14.81
CA ASP A 38 -6.55 -12.66 15.59
C ASP A 38 -6.42 -11.16 15.78
N GLN A 39 -6.84 -10.35 14.80
CA GLN A 39 -6.78 -8.91 14.97
C GLN A 39 -7.72 -8.47 16.08
N GLN A 40 -8.91 -9.07 16.18
CA GLN A 40 -9.76 -8.75 17.33
C GLN A 40 -9.09 -9.15 18.64
N THR A 41 -8.48 -10.34 18.68
CA THR A 41 -7.79 -10.75 19.90
C THR A 41 -6.70 -9.74 20.27
N LEU A 42 -5.94 -9.27 19.28
CA LEU A 42 -4.90 -8.27 19.55
C LEU A 42 -5.49 -6.96 20.07
N ARG A 43 -6.61 -6.52 19.48
CA ARG A 43 -7.26 -5.29 19.95
C ARG A 43 -7.81 -5.44 21.36
N ASP A 44 -8.51 -6.55 21.62
CA ASP A 44 -9.24 -6.69 22.87
C ASP A 44 -8.34 -7.06 24.04
N ALA A 45 -7.12 -7.53 23.76
CA ALA A 45 -6.20 -7.84 24.84
C ALA A 45 -5.78 -6.59 25.59
N GLY A 46 -5.72 -5.45 24.92
CA GLY A 46 -5.34 -4.20 25.55
C GLY A 46 -4.84 -3.22 24.51
N PRO A 47 -4.70 -1.95 24.91
CA PRO A 47 -4.20 -0.95 23.95
C PRO A 47 -2.80 -1.24 23.45
N VAL A 48 -1.95 -1.83 24.28
CA VAL A 48 -0.59 -2.20 23.89
C VAL A 48 -0.36 -3.65 24.30
N VAL A 49 0.15 -4.45 23.36
CA VAL A 49 0.48 -5.84 23.63
C VAL A 49 1.95 -6.06 23.36
N TYR A 50 2.47 -7.19 23.85
CA TYR A 50 3.81 -7.62 23.56
C TYR A 50 3.75 -8.95 22.82
N LEU A 51 4.38 -9.01 21.66
CA LEU A 51 4.38 -10.19 20.81
C LEU A 51 5.66 -10.98 21.09
N ASP A 52 5.52 -12.04 21.88
CA ASP A 52 6.68 -12.82 22.29
C ASP A 52 7.41 -13.48 21.12
N LYS A 53 6.69 -13.75 20.03
CA LYS A 53 7.30 -14.44 18.90
C LYS A 53 8.46 -13.65 18.32
N TRP A 54 8.34 -12.32 18.31
CA TRP A 54 9.34 -11.46 17.68
C TRP A 54 9.92 -10.41 18.61
N ASN A 55 9.52 -10.39 19.89
CA ASN A 55 10.03 -9.42 20.87
C ASN A 55 9.79 -7.99 20.39
N VAL A 56 8.54 -7.70 20.04
CA VAL A 56 8.13 -6.35 19.67
C VAL A 56 6.83 -6.01 20.40
N TYR A 57 6.60 -4.72 20.55
CA TYR A 57 5.32 -4.21 21.01
C TYR A 57 4.35 -4.16 19.83
N GLY A 58 3.07 -4.32 20.13
CA GLY A 58 2.04 -4.19 19.11
C GLY A 58 0.92 -3.28 19.56
N VAL A 59 0.38 -2.53 18.60
CA VAL A 59 -0.84 -1.74 18.80
C VAL A 59 -1.78 -2.05 17.64
N ALA A 60 -3.00 -2.48 17.96
CA ALA A 60 -3.94 -2.90 16.93
C ALA A 60 -5.24 -2.09 16.92
N ARG A 61 -5.46 -1.21 17.89
CA ARG A 61 -6.64 -0.36 17.87
C ARG A 61 -6.36 0.91 17.09
N TYR A 62 -7.43 1.53 16.58
CA TYR A 62 -7.28 2.76 15.81
C TYR A 62 -6.56 3.85 16.62
N ALA A 63 -6.96 4.04 17.88
CA ALA A 63 -6.44 5.17 18.65
C ALA A 63 -4.91 5.13 18.77
N GLU A 64 -4.36 3.99 19.18
CA GLU A 64 -2.91 3.90 19.41
C GLU A 64 -2.14 3.89 18.09
N VAL A 65 -2.68 3.22 17.07
CA VAL A 65 -2.05 3.24 15.75
C VAL A 65 -1.96 4.67 15.25
N HIS A 66 -3.07 5.41 15.35
CA HIS A 66 -3.06 6.80 14.91
C HIS A 66 -2.08 7.63 15.74
N ALA A 67 -2.07 7.43 17.05
CA ALA A 67 -1.15 8.17 17.92
C ALA A 67 0.31 7.92 17.52
N VAL A 68 0.67 6.66 17.32
CA VAL A 68 2.07 6.32 16.99
C VAL A 68 2.46 6.96 15.67
N LEU A 69 1.60 6.87 14.66
CA LEU A 69 1.91 7.43 13.35
C LEU A 69 2.18 8.91 13.43
N ASN A 70 1.47 9.60 14.33
CA ASN A 70 1.52 11.05 14.40
C ASN A 70 2.51 11.56 15.44
N ASP A 71 3.37 10.70 15.97
CA ASP A 71 4.45 11.09 16.86
C ASP A 71 5.77 10.56 16.30
N PRO A 72 6.24 11.13 15.19
CA PRO A 72 7.47 10.61 14.56
C PRO A 72 8.74 10.87 15.33
N THR A 73 8.77 11.87 16.23
N THR A 73 8.76 11.88 16.21
CA THR A 73 9.97 12.10 17.02
CA THR A 73 9.95 12.12 17.03
C THR A 73 10.20 10.98 18.02
C THR A 73 10.19 10.95 17.98
N THR A 74 9.12 10.46 18.61
CA THR A 74 9.25 9.34 19.53
C THR A 74 9.32 8.02 18.77
N PHE A 75 8.43 7.83 17.81
CA PHE A 75 8.31 6.58 17.05
C PHE A 75 8.91 6.85 15.67
N CYS A 76 10.23 6.69 15.59
CA CYS A 76 10.96 7.14 14.41
C CYS A 76 10.94 6.08 13.31
N SER A 77 11.36 6.50 12.12
CA SER A 77 11.43 5.61 10.96
C SER A 77 12.85 5.36 10.49
N SER A 78 13.82 6.16 10.94
CA SER A 78 15.19 6.05 10.44
C SER A 78 15.95 4.84 10.98
N ARG A 79 15.42 4.14 11.98
CA ARG A 79 15.95 2.84 12.36
C ARG A 79 15.22 1.70 11.67
N GLY A 80 14.53 1.99 10.57
CA GLY A 80 13.82 0.97 9.81
C GLY A 80 12.36 0.87 10.20
N VAL A 81 11.50 0.62 9.22
CA VAL A 81 10.08 0.43 9.47
C VAL A 81 9.66 -1.01 9.23
N GLY A 82 10.63 -1.91 9.03
CA GLY A 82 10.41 -3.32 9.20
C GLY A 82 10.90 -3.79 10.57
N LEU A 83 10.96 -5.11 10.74
CA LEU A 83 11.38 -5.66 12.03
C LEU A 83 12.81 -5.26 12.36
N SER A 84 13.68 -5.27 11.35
CA SER A 84 15.09 -5.03 11.58
C SER A 84 15.34 -3.60 12.06
N ASP A 85 16.16 -3.47 13.09
CA ASP A 85 16.58 -2.18 13.64
C ASP A 85 17.91 -1.84 12.99
N PHE A 86 17.94 -0.75 12.20
CA PHE A 86 19.15 -0.40 11.48
C PHE A 86 20.31 -0.01 12.40
N LYS A 87 20.04 0.24 13.67
CA LYS A 87 21.12 0.45 14.63
C LYS A 87 21.78 -0.86 15.04
N LYS A 88 21.13 -1.99 14.80
CA LYS A 88 21.64 -3.31 15.17
C LYS A 88 22.09 -4.13 13.98
N GLU A 89 21.40 -4.02 12.84
CA GLU A 89 21.66 -4.84 11.66
C GLU A 89 21.80 -3.95 10.45
N LYS A 90 22.48 -4.46 9.43
CA LYS A 90 22.59 -3.72 8.18
C LYS A 90 21.27 -3.82 7.40
N PRO A 91 20.80 -2.70 6.85
CA PRO A 91 19.64 -2.77 5.95
C PRO A 91 19.94 -3.64 4.75
N TRP A 92 18.92 -4.33 4.25
CA TRP A 92 19.12 -5.23 3.11
C TRP A 92 19.44 -4.46 1.83
N ARG A 93 19.12 -3.18 1.79
CA ARG A 93 19.45 -2.28 0.69
C ARG A 93 19.68 -0.91 1.29
N PRO A 94 20.35 0.00 0.59
CA PRO A 94 20.55 1.35 1.11
C PRO A 94 19.22 1.96 1.54
N PRO A 95 19.20 2.64 2.70
CA PRO A 95 17.94 3.17 3.22
C PRO A 95 17.28 4.13 2.26
N SER A 96 15.95 4.03 2.20
CA SER A 96 15.17 5.01 1.47
C SER A 96 15.38 6.39 2.06
N LEU A 97 15.51 7.40 1.19
CA LEU A 97 15.65 8.78 1.63
C LEU A 97 14.34 9.37 2.11
N ILE A 98 13.24 8.64 1.93
N ILE A 98 13.21 8.67 1.99
CA ILE A 98 11.90 9.11 2.24
CA ILE A 98 11.94 9.20 2.41
C ILE A 98 11.36 8.27 3.39
C ILE A 98 11.23 8.30 3.42
N LEU A 99 11.05 7.02 3.08
CA LEU A 99 10.37 6.12 4.03
C LEU A 99 11.20 5.90 5.28
N GLU A 100 12.52 5.79 5.12
CA GLU A 100 13.40 5.41 6.21
C GLU A 100 14.23 6.60 6.71
N ALA A 101 13.65 7.79 6.60
CA ALA A 101 14.24 9.00 7.13
C ALA A 101 13.26 9.68 8.05
N ASP A 102 13.78 10.43 9.01
CA ASP A 102 12.98 11.25 9.90
C ASP A 102 13.11 12.72 9.57
N PRO A 103 12.14 13.55 9.93
CA PRO A 103 12.36 15.00 9.89
C PRO A 103 13.54 15.36 10.78
N PRO A 104 14.38 16.32 10.37
CA PRO A 104 14.24 17.15 9.17
C PRO A 104 14.81 16.58 7.87
N ALA A 105 15.61 15.51 7.92
CA ALA A 105 16.17 14.97 6.69
C ALA A 105 15.09 14.49 5.72
N HIS A 106 13.97 14.04 6.26
CA HIS A 106 12.86 13.57 5.45
C HIS A 106 12.21 14.70 4.64
N THR A 107 12.27 15.92 5.16
CA THR A 107 11.32 16.96 4.78
C THR A 107 11.47 17.39 3.33
N ARG A 108 12.69 17.74 2.91
CA ARG A 108 12.80 18.30 1.56
C ARG A 108 12.69 17.23 0.48
N PRO A 109 13.27 16.04 0.66
CA PRO A 109 12.98 14.97 -0.32
C PRO A 109 11.50 14.63 -0.39
N ARG A 110 10.79 14.68 0.74
CA ARG A 110 9.34 14.48 0.72
C ARG A 110 8.66 15.56 -0.10
N ALA A 111 9.10 16.81 0.04
CA ALA A 111 8.49 17.90 -0.71
C ALA A 111 8.68 17.71 -2.21
N VAL A 112 9.86 17.22 -2.61
CA VAL A 112 10.10 16.97 -4.03
C VAL A 112 9.13 15.92 -4.55
N LEU A 113 9.02 14.78 -3.85
CA LEU A 113 8.08 13.76 -4.32
C LEU A 113 6.65 14.27 -4.32
N SER A 114 6.29 15.12 -3.36
N SER A 114 6.29 15.10 -3.34
CA SER A 114 4.94 15.67 -3.33
CA SER A 114 4.95 15.68 -3.32
C SER A 114 4.69 16.56 -4.54
C SER A 114 4.70 16.53 -4.56
N LYS A 115 5.70 17.29 -4.98
CA LYS A 115 5.55 18.16 -6.14
C LYS A 115 5.61 17.37 -7.44
N VAL A 116 6.39 16.29 -7.48
CA VAL A 116 6.41 15.43 -8.66
C VAL A 116 5.05 14.77 -8.87
N LEU A 117 4.42 14.32 -7.78
CA LEU A 117 3.11 13.67 -7.83
C LEU A 117 1.99 14.63 -7.41
N SER A 118 2.07 15.85 -7.92
CA SER A 118 1.24 16.96 -7.46
C SER A 118 -0.16 16.89 -8.06
N PRO A 119 -1.09 17.67 -7.52
CA PRO A 119 -2.39 17.84 -8.19
C PRO A 119 -2.28 18.29 -9.64
N ALA A 120 -1.32 19.15 -9.96
CA ALA A 120 -1.14 19.56 -11.35
C ALA A 120 -0.73 18.38 -12.21
N THR A 121 0.16 17.52 -11.70
CA THR A 121 0.52 16.32 -12.44
C THR A 121 -0.70 15.43 -12.64
N MET A 122 -1.53 15.27 -11.60
CA MET A 122 -2.72 14.45 -11.74
C MET A 122 -3.64 15.02 -12.81
N LYS A 123 -3.76 16.34 -12.86
CA LYS A 123 -4.60 16.95 -13.90
C LYS A 123 -4.03 16.67 -15.29
N THR A 124 -2.70 16.62 -15.41
CA THR A 124 -2.09 16.36 -16.71
C THR A 124 -2.39 14.93 -17.18
N ILE A 125 -2.42 13.96 -16.28
CA ILE A 125 -2.49 12.55 -16.67
C ILE A 125 -3.88 11.94 -16.52
N ARG A 126 -4.84 12.64 -15.90
CA ARG A 126 -6.12 12.02 -15.58
C ARG A 126 -6.86 11.52 -16.82
N ASP A 127 -6.94 12.34 -17.86
CA ASP A 127 -7.72 11.92 -19.04
C ASP A 127 -7.14 10.65 -19.64
N GLY A 128 -5.82 10.55 -19.73
CA GLY A 128 -5.22 9.34 -20.28
C GLY A 128 -5.42 8.14 -19.37
N PHE A 129 -5.32 8.34 -18.06
CA PHE A 129 -5.58 7.25 -17.13
C PHE A 129 -7.00 6.75 -17.26
N ALA A 130 -7.96 7.67 -17.40
CA ALA A 130 -9.36 7.29 -17.53
C ALA A 130 -9.62 6.56 -18.84
N ALA A 131 -9.07 7.06 -19.95
CA ALA A 131 -9.25 6.38 -21.23
C ALA A 131 -8.71 4.95 -21.17
N ALA A 132 -7.57 4.75 -20.51
CA ALA A 132 -6.99 3.41 -20.45
C ALA A 132 -7.82 2.49 -19.56
N ALA A 133 -8.44 3.04 -18.51
CA ALA A 133 -9.36 2.25 -17.70
C ALA A 133 -10.60 1.85 -18.51
N ASP A 134 -11.19 2.79 -19.23
CA ASP A 134 -12.34 2.47 -20.07
C ASP A 134 -11.99 1.44 -21.13
N ALA A 135 -10.82 1.59 -21.76
CA ALA A 135 -10.43 0.63 -22.79
C ALA A 135 -10.21 -0.75 -22.21
N LYS A 136 -9.61 -0.85 -21.02
CA LYS A 136 -9.38 -2.16 -20.42
C LYS A 136 -10.70 -2.86 -20.12
N VAL A 137 -11.66 -2.14 -19.54
CA VAL A 137 -12.95 -2.77 -19.24
C VAL A 137 -13.66 -3.20 -20.53
N ASP A 138 -13.64 -2.34 -21.55
CA ASP A 138 -14.20 -2.73 -22.85
C ASP A 138 -13.56 -4.00 -23.36
N GLU A 139 -12.22 -4.07 -23.30
CA GLU A 139 -11.51 -5.27 -23.74
C GLU A 139 -11.92 -6.49 -22.92
N LEU A 140 -12.02 -6.33 -21.60
CA LEU A 140 -12.39 -7.47 -20.77
C LEU A 140 -13.82 -7.93 -21.03
N LEU A 141 -14.71 -7.00 -21.38
CA LEU A 141 -16.08 -7.39 -21.67
C LEU A 141 -16.18 -8.23 -22.94
N GLN A 142 -15.24 -8.05 -23.88
CA GLN A 142 -15.22 -8.92 -25.06
C GLN A 142 -14.86 -10.35 -24.69
N ARG A 143 -14.10 -10.55 -23.62
CA ARG A 143 -13.76 -11.89 -23.18
C ARG A 143 -14.79 -12.49 -22.25
N GLY A 144 -15.47 -11.67 -21.44
CA GLY A 144 -16.51 -12.16 -20.55
C GLY A 144 -15.97 -12.75 -19.26
N CYS A 145 -15.33 -13.91 -19.37
CA CYS A 145 -14.75 -14.61 -18.21
C CYS A 145 -13.27 -14.31 -18.14
N ILE A 146 -12.86 -13.62 -17.08
CA ILE A 146 -11.50 -13.11 -16.95
C ILE A 146 -11.00 -13.40 -15.54
N ASP A 147 -9.70 -13.18 -15.32
CA ASP A 147 -9.11 -13.19 -13.99
C ASP A 147 -8.98 -11.74 -13.54
N ALA A 148 -9.80 -11.34 -12.56
CA ALA A 148 -9.82 -9.94 -12.16
C ALA A 148 -8.52 -9.48 -11.53
N ILE A 149 -7.60 -10.38 -11.20
CA ILE A 149 -6.30 -9.92 -10.74
C ILE A 149 -5.39 -9.71 -11.95
N ALA A 150 -4.92 -10.80 -12.56
CA ALA A 150 -3.95 -10.68 -13.66
C ALA A 150 -4.48 -9.79 -14.78
N ASP A 151 -5.76 -9.93 -15.12
CA ASP A 151 -6.30 -9.28 -16.30
C ASP A 151 -6.84 -7.89 -16.04
N LEU A 152 -7.04 -7.51 -14.78
CA LEU A 152 -7.70 -6.24 -14.50
C LEU A 152 -6.92 -5.47 -13.44
N ALA A 153 -6.90 -6.00 -12.21
CA ALA A 153 -6.25 -5.29 -11.11
C ALA A 153 -4.75 -5.13 -11.36
N GLU A 154 -4.11 -6.13 -11.97
CA GLU A 154 -2.70 -6.02 -12.33
C GLU A 154 -2.51 -5.30 -13.65
N ALA A 155 -3.25 -5.73 -14.68
CA ALA A 155 -3.01 -5.24 -16.04
C ALA A 155 -3.23 -3.74 -16.14
N TYR A 156 -4.24 -3.20 -15.45
CA TYR A 156 -4.51 -1.77 -15.64
C TYR A 156 -3.40 -0.89 -15.05
N PRO A 157 -2.99 -1.03 -13.79
CA PRO A 157 -1.84 -0.22 -13.32
C PRO A 157 -0.59 -0.42 -14.15
N LEU A 158 -0.34 -1.64 -14.62
CA LEU A 158 0.81 -1.86 -15.49
C LEU A 158 0.67 -1.11 -16.80
N SER A 159 -0.55 -0.81 -17.22
CA SER A 159 -0.77 -0.12 -18.51
C SER A 159 -0.65 1.39 -18.40
N VAL A 160 -0.59 1.96 -17.19
CA VAL A 160 -0.54 3.40 -17.03
C VAL A 160 0.64 3.86 -16.19
N PHE A 161 0.97 3.16 -15.10
CA PHE A 161 1.96 3.71 -14.19
C PHE A 161 3.38 3.65 -14.74
N PRO A 162 3.88 2.52 -15.26
CA PRO A 162 5.25 2.53 -15.82
C PRO A 162 5.43 3.59 -16.90
N ASP A 163 4.43 3.79 -17.76
CA ASP A 163 4.52 4.84 -18.77
C ASP A 163 4.59 6.21 -18.12
N ALA A 164 3.78 6.44 -17.08
CA ALA A 164 3.80 7.73 -16.39
C ALA A 164 5.12 7.95 -15.66
N MET A 165 5.77 6.88 -15.22
CA MET A 165 7.11 6.97 -14.65
C MET A 165 8.13 7.38 -15.70
N GLY A 166 7.89 7.03 -16.96
CA GLY A 166 8.88 7.17 -18.00
C GLY A 166 9.78 5.97 -18.18
N LEU A 167 9.37 4.79 -17.72
CA LEU A 167 10.19 3.60 -17.89
C LEU A 167 10.14 3.10 -19.33
N LYS A 168 11.26 2.54 -19.78
CA LYS A 168 11.28 1.88 -21.07
C LYS A 168 10.39 0.63 -21.01
N GLN A 169 10.11 0.06 -22.19
CA GLN A 169 9.27 -1.13 -22.25
C GLN A 169 9.96 -2.35 -21.66
N GLU A 170 11.23 -2.54 -21.99
CA GLU A 170 11.93 -3.76 -21.61
C GLU A 170 12.14 -3.82 -20.09
N GLY A 171 11.92 -5.01 -19.52
CA GLY A 171 12.24 -5.25 -18.13
C GLY A 171 11.13 -4.97 -17.14
N ARG A 172 9.97 -4.48 -17.60
CA ARG A 172 8.90 -4.13 -16.67
C ARG A 172 8.38 -5.33 -15.89
N GLU A 173 8.66 -6.55 -16.35
CA GLU A 173 8.27 -7.75 -15.60
C GLU A 173 8.96 -7.83 -14.24
N HIS A 174 9.95 -6.98 -13.97
CA HIS A 174 10.61 -6.94 -12.67
C HIS A 174 9.89 -6.06 -11.67
N LEU A 175 8.92 -5.25 -12.09
CA LEU A 175 8.33 -4.24 -11.21
C LEU A 175 7.57 -4.88 -10.05
N LEU A 176 6.62 -5.77 -10.35
CA LEU A 176 5.83 -6.36 -9.28
C LEU A 176 6.69 -7.30 -8.42
N PRO A 177 7.63 -8.08 -9.00
CA PRO A 177 8.53 -8.84 -8.12
C PRO A 177 9.34 -7.95 -7.19
N TYR A 178 9.84 -6.81 -7.68
CA TYR A 178 10.59 -5.94 -6.78
C TYR A 178 9.68 -5.36 -5.71
N ALA A 179 8.44 -5.01 -6.08
CA ALA A 179 7.46 -4.54 -5.10
C ALA A 179 7.24 -5.58 -4.01
N GLY A 180 7.05 -6.84 -4.38
CA GLY A 180 6.84 -7.87 -3.38
C GLY A 180 8.05 -8.14 -2.53
N LEU A 181 9.25 -8.01 -3.11
CA LEU A 181 10.49 -8.17 -2.37
C LEU A 181 10.62 -7.12 -1.28
N VAL A 182 10.41 -5.84 -1.65
CA VAL A 182 10.51 -4.75 -0.68
C VAL A 182 9.56 -4.99 0.49
N ALA A 183 8.32 -5.39 0.18
CA ALA A 183 7.32 -5.59 1.23
C ALA A 183 7.62 -6.82 2.08
N ASN A 184 8.15 -7.88 1.45
CA ASN A 184 8.55 -9.04 2.23
C ASN A 184 9.72 -8.71 3.15
N ALA A 185 10.63 -7.84 2.70
CA ALA A 185 11.83 -7.53 3.46
C ALA A 185 11.55 -6.70 4.70
N PHE A 186 10.39 -6.03 4.77
CA PHE A 186 9.97 -5.42 6.03
C PHE A 186 9.71 -6.46 7.11
N GLY A 187 9.42 -7.70 6.74
CA GLY A 187 9.00 -8.69 7.70
C GLY A 187 10.14 -9.25 8.51
N PRO A 188 9.78 -10.16 9.40
CA PRO A 188 10.78 -10.86 10.21
C PRO A 188 11.55 -11.85 9.36
N PRO A 189 12.68 -12.37 9.86
CA PRO A 189 13.48 -13.32 9.04
C PRO A 189 12.82 -14.69 8.99
N ASN A 190 11.69 -14.78 8.29
CA ASN A 190 11.00 -16.04 8.05
C ASN A 190 11.27 -16.49 6.62
N GLU A 191 10.58 -17.55 6.20
CA GLU A 191 10.83 -18.11 4.87
C GLU A 191 10.45 -17.12 3.77
N LEU A 192 9.31 -16.45 3.92
CA LEU A 192 8.91 -15.45 2.93
C LEU A 192 10.02 -14.43 2.71
N ARG A 193 10.65 -13.97 3.79
CA ARG A 193 11.70 -12.98 3.64
C ARG A 193 12.98 -13.58 3.07
N GLN A 194 13.39 -14.75 3.57
CA GLN A 194 14.60 -15.38 3.09
C GLN A 194 14.52 -15.68 1.60
N THR A 195 13.39 -16.23 1.15
CA THR A 195 13.24 -16.56 -0.26
C THR A 195 13.18 -15.30 -1.12
N ALA A 196 12.54 -14.24 -0.63
CA ALA A 196 12.49 -13.01 -1.40
C ALA A 196 13.88 -12.46 -1.65
N ILE A 197 14.72 -12.44 -0.61
CA ILE A 197 16.06 -11.92 -0.76
C ILE A 197 16.90 -12.84 -1.64
N GLU A 198 16.70 -14.16 -1.55
CA GLU A 198 17.41 -15.07 -2.45
C GLU A 198 17.12 -14.76 -3.91
N ARG A 199 15.88 -14.42 -4.24
CA ARG A 199 15.48 -14.18 -5.62
C ARG A 199 15.74 -12.76 -6.10
N SER A 200 16.36 -11.91 -5.26
CA SER A 200 16.25 -10.47 -5.45
C SER A 200 17.14 -9.92 -6.56
N ALA A 201 18.30 -10.52 -6.82
CA ALA A 201 19.33 -9.84 -7.59
C ALA A 201 18.85 -9.33 -8.95
N PRO A 202 18.20 -10.13 -9.80
CA PRO A 202 17.80 -9.58 -11.11
C PRO A 202 16.80 -8.45 -11.02
N HIS A 203 15.89 -8.49 -10.03
CA HIS A 203 14.91 -7.42 -9.89
C HIS A 203 15.59 -6.14 -9.42
N GLN A 204 16.46 -6.27 -8.41
CA GLN A 204 17.20 -5.14 -7.89
C GLN A 204 18.07 -4.50 -8.97
N ALA A 205 18.73 -5.32 -9.79
CA ALA A 205 19.62 -4.76 -10.80
C ALA A 205 18.83 -3.96 -11.82
N TYR A 206 17.65 -4.46 -12.21
CA TYR A 206 16.79 -3.72 -13.12
C TYR A 206 16.35 -2.41 -12.51
N VAL A 207 15.83 -2.44 -11.28
CA VAL A 207 15.29 -1.22 -10.67
C VAL A 207 16.38 -0.17 -10.55
N ASN A 208 17.53 -0.55 -10.02
CA ASN A 208 18.57 0.46 -9.79
C ASN A 208 19.02 1.11 -11.09
N GLU A 209 19.09 0.34 -12.18
CA GLU A 209 19.51 0.93 -13.45
C GLU A 209 18.46 1.90 -13.99
N GLN A 210 17.18 1.57 -13.85
CA GLN A 210 16.15 2.50 -14.35
C GLN A 210 16.12 3.81 -13.59
N CYS A 211 16.76 3.88 -12.42
CA CYS A 211 16.76 5.09 -11.62
C CYS A 211 17.72 6.16 -12.15
N GLN A 212 18.58 5.82 -13.10
CA GLN A 212 19.52 6.79 -13.65
C GLN A 212 18.82 7.70 -14.65
N ARG A 213 19.21 8.97 -14.64
CA ARG A 213 18.53 9.99 -15.44
C ARG A 213 18.35 9.64 -16.92
N PRO A 214 19.33 9.09 -17.65
CA PRO A 214 19.10 8.84 -19.08
C PRO A 214 18.03 7.81 -19.36
N ASN A 215 17.64 7.00 -18.37
CA ASN A 215 16.71 5.91 -18.58
C ASN A 215 15.27 6.26 -18.27
N LEU A 216 14.99 7.53 -18.02
CA LEU A 216 13.65 7.98 -17.63
C LEU A 216 13.14 8.99 -18.66
N ALA A 217 12.03 8.64 -19.32
CA ALA A 217 11.56 9.39 -20.48
C ALA A 217 11.18 10.82 -20.10
N PRO A 218 11.33 11.78 -21.03
CA PRO A 218 11.00 13.18 -20.73
C PRO A 218 9.57 13.34 -20.23
N GLY A 219 9.40 14.22 -19.24
CA GLY A 219 8.08 14.58 -18.74
C GLY A 219 7.47 13.62 -17.74
N GLY A 220 8.05 12.43 -17.56
CA GLY A 220 7.50 11.47 -16.63
C GLY A 220 7.95 11.75 -15.21
N PHE A 221 7.47 10.90 -14.28
CA PHE A 221 7.77 11.13 -12.87
C PHE A 221 9.26 11.07 -12.61
N GLY A 222 9.95 10.10 -13.19
CA GLY A 222 11.37 9.93 -12.93
C GLY A 222 12.19 11.09 -13.44
N ALA A 223 11.90 11.57 -14.66
CA ALA A 223 12.61 12.72 -15.19
C ALA A 223 12.35 13.96 -14.34
N CYS A 224 11.12 14.09 -13.82
CA CYS A 224 10.79 15.25 -12.99
CA CYS A 224 10.83 15.27 -13.01
C CYS A 224 11.58 15.25 -11.69
N ILE A 225 11.81 14.06 -11.11
CA ILE A 225 12.64 13.98 -9.93
C ILE A 225 14.06 14.48 -10.23
N HIS A 226 14.65 13.98 -11.31
CA HIS A 226 16.00 14.39 -11.68
C HIS A 226 16.07 15.88 -12.03
N ALA A 227 14.97 16.45 -12.55
CA ALA A 227 14.98 17.87 -12.85
C ALA A 227 14.89 18.72 -11.58
N PHE A 228 14.44 18.12 -10.48
CA PHE A 228 14.26 18.81 -9.21
C PHE A 228 15.52 18.81 -8.35
N THR A 229 16.72 18.72 -8.95
CA THR A 229 17.94 18.50 -8.19
C THR A 229 18.78 19.76 -8.03
N ASP A 230 18.19 20.93 -8.27
CA ASP A 230 18.95 22.17 -8.24
C ASP A 230 18.33 23.25 -7.36
N THR A 231 17.37 22.88 -6.52
CA THR A 231 16.62 23.86 -5.74
C THR A 231 17.11 23.98 -4.30
N GLY A 232 18.06 23.14 -3.89
CA GLY A 232 18.41 23.06 -2.50
C GLY A 232 17.59 22.07 -1.70
N GLU A 233 16.71 21.32 -2.36
CA GLU A 233 15.90 20.31 -1.67
C GLU A 233 16.54 18.92 -1.75
N ILE A 234 17.01 18.53 -2.94
CA ILE A 234 17.78 17.31 -3.13
C ILE A 234 18.94 17.61 -4.07
N THR A 235 19.95 16.74 -4.05
CA THR A 235 21.09 16.86 -4.93
C THR A 235 21.03 15.82 -6.03
N PRO A 236 21.78 16.01 -7.12
CA PRO A 236 21.72 15.02 -8.22
C PRO A 236 21.98 13.59 -7.76
N ASP A 237 22.84 13.38 -6.75
CA ASP A 237 23.15 12.02 -6.33
C ASP A 237 22.05 11.41 -5.46
N GLU A 238 21.06 12.20 -5.06
CA GLU A 238 19.90 11.68 -4.33
C GLU A 238 18.75 11.30 -5.25
N ALA A 239 18.73 11.82 -6.47
CA ALA A 239 17.61 11.53 -7.36
C ALA A 239 17.47 10.05 -7.69
N PRO A 240 18.54 9.27 -7.92
CA PRO A 240 18.32 7.83 -8.17
C PRO A 240 17.54 7.13 -7.05
N LEU A 241 17.87 7.41 -5.78
N LEU A 241 17.87 7.39 -5.78
CA LEU A 241 17.15 6.74 -4.70
CA LEU A 241 17.15 6.72 -4.71
C LEU A 241 15.72 7.26 -4.57
C LEU A 241 15.73 7.23 -4.56
N LEU A 242 15.45 8.51 -4.95
N LEU A 242 15.46 8.48 -4.96
CA LEU A 242 14.07 8.99 -4.92
CA LEU A 242 14.08 8.98 -4.91
C LEU A 242 13.24 8.34 -6.02
C LEU A 242 13.24 8.36 -6.03
N VAL A 243 13.83 8.17 -7.22
CA VAL A 243 13.16 7.37 -8.23
C VAL A 243 12.94 5.96 -7.71
N ARG A 244 13.92 5.42 -6.98
CA ARG A 244 13.77 4.07 -6.43
C ARG A 244 12.55 3.98 -5.53
N SER A 245 12.26 5.03 -4.76
CA SER A 245 11.08 5.01 -3.89
C SER A 245 9.81 4.79 -4.70
N LEU A 246 9.72 5.43 -5.87
CA LEU A 246 8.52 5.30 -6.68
C LEU A 246 8.46 3.99 -7.45
N LEU A 247 9.57 3.23 -7.49
CA LEU A 247 9.59 1.89 -8.03
C LEU A 247 9.56 0.83 -6.94
N SER A 248 9.61 1.23 -5.68
CA SER A 248 9.58 0.29 -4.56
C SER A 248 8.23 0.20 -3.89
N ALA A 249 7.40 1.23 -4.08
CA ALA A 249 6.18 1.43 -3.31
C ALA A 249 5.04 1.72 -4.25
N GLY A 250 3.87 1.16 -3.94
CA GLY A 250 2.64 1.64 -4.52
C GLY A 250 1.99 0.77 -5.57
N LEU A 251 2.79 0.10 -6.39
CA LEU A 251 2.21 -0.63 -7.52
C LEU A 251 1.40 -1.82 -7.04
N GLN A 252 2.02 -2.69 -6.24
CA GLN A 252 1.28 -3.85 -5.76
C GLN A 252 0.13 -3.44 -4.84
N GLU A 253 0.30 -2.38 -4.04
CA GLU A 253 -0.80 -1.91 -3.20
C GLU A 253 -1.98 -1.47 -4.04
N THR A 254 -1.72 -0.75 -5.14
CA THR A 254 -2.80 -0.30 -6.00
C THR A 254 -3.49 -1.48 -6.65
N VAL A 255 -2.71 -2.44 -7.14
CA VAL A 255 -3.27 -3.69 -7.68
C VAL A 255 -4.15 -4.37 -6.65
N ASN A 256 -3.64 -4.52 -5.42
CA ASN A 256 -4.42 -5.21 -4.38
C ASN A 256 -5.68 -4.44 -4.02
N GLY A 257 -5.59 -3.11 -4.00
CA GLY A 257 -6.77 -2.31 -3.71
C GLY A 257 -7.83 -2.43 -4.78
N ILE A 258 -7.43 -2.34 -6.06
CA ILE A 258 -8.37 -2.54 -7.14
C ILE A 258 -8.94 -3.97 -7.10
N GLY A 259 -8.08 -4.96 -6.88
CA GLY A 259 -8.59 -6.33 -6.78
C GLY A 259 -9.57 -6.51 -5.63
N ALA A 260 -9.30 -5.86 -4.50
CA ALA A 260 -10.22 -5.95 -3.37
C ALA A 260 -11.56 -5.27 -3.69
N ALA A 261 -11.51 -4.17 -4.43
CA ALA A 261 -12.75 -3.50 -4.83
C ALA A 261 -13.59 -4.41 -5.72
N VAL A 262 -12.97 -5.05 -6.69
CA VAL A 262 -13.71 -5.97 -7.55
C VAL A 262 -14.27 -7.13 -6.75
N TYR A 263 -13.46 -7.69 -5.85
N TYR A 263 -13.47 -7.68 -5.84
CA TYR A 263 -13.92 -8.77 -4.97
CA TYR A 263 -13.94 -8.77 -4.99
C TYR A 263 -15.14 -8.32 -4.17
C TYR A 263 -15.13 -8.33 -4.15
N CYS A 264 -15.08 -7.14 -3.57
CA CYS A 264 -16.19 -6.65 -2.77
C CYS A 264 -17.43 -6.40 -3.62
N LEU A 265 -17.25 -5.85 -4.81
CA LEU A 265 -18.40 -5.63 -5.68
C LEU A 265 -19.01 -6.94 -6.13
N ALA A 266 -18.23 -8.01 -6.17
CA ALA A 266 -18.77 -9.32 -6.50
C ALA A 266 -19.46 -9.97 -5.29
N ARG A 267 -18.88 -9.80 -4.10
CA ARG A 267 -19.45 -10.44 -2.92
C ARG A 267 -20.60 -9.65 -2.32
N PHE A 268 -20.61 -8.32 -2.48
CA PHE A 268 -21.70 -7.46 -2.05
C PHE A 268 -22.37 -6.87 -3.29
N PRO A 269 -23.19 -7.63 -4.03
CA PRO A 269 -23.76 -7.09 -5.27
C PRO A 269 -24.65 -5.86 -5.08
N GLY A 270 -25.23 -5.68 -3.88
CA GLY A 270 -25.99 -4.48 -3.62
C GLY A 270 -25.15 -3.23 -3.73
N GLU A 271 -23.84 -3.34 -3.47
CA GLU A 271 -22.98 -2.17 -3.57
C GLU A 271 -22.60 -1.88 -5.02
N LEU A 272 -22.46 -2.91 -5.85
CA LEU A 272 -22.29 -2.68 -7.28
C LEU A 272 -23.52 -2.00 -7.86
N GLN A 273 -24.71 -2.39 -7.38
CA GLN A 273 -25.92 -1.76 -7.88
CA GLN A 273 -25.93 -1.76 -7.86
C GLN A 273 -25.98 -0.29 -7.46
N ARG A 274 -25.53 0.04 -6.25
CA ARG A 274 -25.48 1.44 -5.86
C ARG A 274 -24.45 2.19 -6.70
N LEU A 275 -23.28 1.59 -6.94
CA LEU A 275 -22.25 2.25 -7.72
C LEU A 275 -22.71 2.50 -9.16
N ARG A 276 -23.37 1.51 -9.77
CA ARG A 276 -23.90 1.69 -11.12
C ARG A 276 -24.89 2.85 -11.18
N SER A 277 -25.72 2.99 -10.14
CA SER A 277 -26.73 4.03 -10.14
C SER A 277 -26.14 5.41 -9.96
N ASP A 278 -24.94 5.52 -9.39
CA ASP A 278 -24.28 6.81 -9.24
C ASP A 278 -22.78 6.62 -9.39
N PRO A 279 -22.28 6.65 -10.63
CA PRO A 279 -20.83 6.46 -10.84
C PRO A 279 -19.94 7.47 -10.15
N THR A 280 -20.48 8.59 -9.66
CA THR A 280 -19.63 9.51 -8.90
C THR A 280 -19.22 8.95 -7.54
N LEU A 281 -19.79 7.81 -7.13
CA LEU A 281 -19.30 7.12 -5.94
C LEU A 281 -18.01 6.35 -6.19
N ALA A 282 -17.46 6.41 -7.41
CA ALA A 282 -16.31 5.59 -7.76
C ALA A 282 -15.13 5.87 -6.83
N ARG A 283 -14.82 7.15 -6.62
CA ARG A 283 -13.65 7.48 -5.81
C ARG A 283 -13.81 6.95 -4.38
N ASN A 284 -14.99 7.14 -3.77
CA ASN A 284 -15.17 6.65 -2.40
C ASN A 284 -15.30 5.13 -2.36
N ALA A 285 -15.82 4.51 -3.43
CA ALA A 285 -15.85 3.05 -3.46
C ALA A 285 -14.44 2.48 -3.43
N PHE A 286 -13.48 3.15 -4.07
CA PHE A 286 -12.11 2.70 -3.98
C PHE A 286 -11.49 3.00 -2.62
N GLU A 287 -11.78 4.19 -2.09
CA GLU A 287 -11.27 4.53 -0.76
C GLU A 287 -11.75 3.53 0.28
N GLU A 288 -13.02 3.13 0.18
CA GLU A 288 -13.56 2.13 1.10
C GLU A 288 -12.88 0.78 0.91
N ALA A 289 -12.54 0.43 -0.33
CA ALA A 289 -11.80 -0.81 -0.56
C ALA A 289 -10.43 -0.74 0.09
N VAL A 290 -9.79 0.44 0.05
CA VAL A 290 -8.49 0.58 0.70
C VAL A 290 -8.62 0.40 2.21
N ARG A 291 -9.67 0.98 2.81
CA ARG A 291 -9.89 0.75 4.25
C ARG A 291 -10.17 -0.72 4.52
N PHE A 292 -11.11 -1.29 3.76
CA PHE A 292 -11.59 -2.65 3.96
C PHE A 292 -10.47 -3.69 3.82
N GLU A 293 -9.66 -3.55 2.79
CA GLU A 293 -8.59 -4.51 2.50
C GLU A 293 -7.29 -4.15 3.20
N SER A 294 -6.99 -2.87 3.30
CA SER A 294 -5.71 -2.34 3.78
C SER A 294 -4.56 -3.08 3.13
N PRO A 295 -4.27 -2.79 1.86
CA PRO A 295 -3.19 -3.51 1.16
C PRO A 295 -1.89 -3.55 1.94
N VAL A 296 -1.51 -2.46 2.62
CA VAL A 296 -0.41 -2.50 3.59
C VAL A 296 -1.03 -2.83 4.95
N GLN A 297 -0.72 -4.01 5.49
CA GLN A 297 -1.37 -4.43 6.72
C GLN A 297 -0.71 -3.85 7.96
N THR A 298 0.61 -3.65 7.92
CA THR A 298 1.37 -3.30 9.11
C THR A 298 2.55 -2.44 8.72
N PHE A 299 3.06 -1.70 9.70
CA PHE A 299 4.35 -1.04 9.61
C PHE A 299 4.93 -0.99 11.02
N PHE A 300 6.25 -0.94 11.11
CA PHE A 300 6.93 -0.78 12.39
C PHE A 300 7.39 0.66 12.58
N ARG A 301 7.58 1.02 13.86
CA ARG A 301 8.40 2.17 14.23
C ARG A 301 9.40 1.71 15.28
N THR A 302 10.39 2.55 15.57
CA THR A 302 11.35 2.29 16.64
C THR A 302 11.33 3.46 17.62
N THR A 303 11.25 3.17 18.92
CA THR A 303 11.23 4.25 19.90
C THR A 303 12.62 4.87 20.06
N THR A 304 12.65 6.20 20.20
CA THR A 304 13.89 6.93 20.38
C THR A 304 14.11 7.35 21.83
N ARG A 305 13.12 7.10 22.68
CA ARG A 305 13.18 7.47 24.10
C ARG A 305 12.09 6.67 24.80
N GLU A 306 12.15 6.68 26.13
CA GLU A 306 11.09 6.05 26.92
C GLU A 306 9.80 6.85 26.75
N VAL A 307 8.69 6.14 26.56
CA VAL A 307 7.42 6.78 26.21
C VAL A 307 6.29 6.01 26.88
N GLU A 308 5.27 6.75 27.33
CA GLU A 308 4.04 6.15 27.80
C GLU A 308 3.04 6.08 26.64
N LEU A 309 2.54 4.88 26.36
CA LEU A 309 1.55 4.67 25.32
C LEU A 309 0.51 3.68 25.84
N GLY A 310 -0.76 4.06 25.78
CA GLY A 310 -1.84 3.23 26.27
C GLY A 310 -1.61 2.66 27.65
N GLY A 311 -1.17 3.52 28.59
CA GLY A 311 -0.87 3.09 29.94
C GLY A 311 0.41 2.29 30.09
N ALA A 312 1.06 1.93 29.00
CA ALA A 312 2.30 1.16 29.04
C ALA A 312 3.50 2.09 28.97
N VAL A 313 4.58 1.69 29.62
CA VAL A 313 5.87 2.38 29.53
C VAL A 313 6.76 1.54 28.61
N ILE A 314 7.12 2.10 27.46
CA ILE A 314 7.96 1.43 26.48
C ILE A 314 9.33 2.09 26.50
N GLY A 315 10.38 1.30 26.65
CA GLY A 315 11.72 1.83 26.71
C GLY A 315 12.23 2.28 25.35
N GLU A 316 13.42 2.87 25.37
CA GLU A 316 14.07 3.31 24.15
C GLU A 316 14.50 2.11 23.31
N GLY A 317 14.52 2.29 22.00
CA GLY A 317 15.06 1.28 21.12
C GLY A 317 14.20 0.05 20.95
N GLU A 318 12.89 0.19 21.13
CA GLU A 318 11.95 -0.93 20.99
C GLU A 318 11.20 -0.82 19.68
N LYS A 319 11.00 -1.95 19.03
CA LYS A 319 10.17 -1.96 17.82
C LYS A 319 8.69 -2.00 18.21
N VAL A 320 7.89 -1.19 17.51
CA VAL A 320 6.45 -1.11 17.74
C VAL A 320 5.74 -1.45 16.43
N LEU A 321 4.96 -2.52 16.45
CA LEU A 321 4.25 -2.96 15.24
C LEU A 321 2.84 -2.37 15.24
N MET A 322 2.54 -1.57 14.22
CA MET A 322 1.21 -0.99 14.03
C MET A 322 0.41 -1.87 13.09
N PHE A 323 -0.81 -2.21 13.50
CA PHE A 323 -1.71 -3.00 12.67
C PHE A 323 -2.66 -2.02 11.97
N LEU A 324 -2.28 -1.60 10.76
CA LEU A 324 -3.12 -0.67 9.99
C LEU A 324 -4.45 -1.30 9.61
N GLY A 325 -4.42 -2.54 9.12
CA GLY A 325 -5.66 -3.19 8.73
C GLY A 325 -6.60 -3.36 9.90
N SER A 326 -6.06 -3.71 11.06
CA SER A 326 -6.88 -3.85 12.27
C SER A 326 -7.44 -2.50 12.70
N ALA A 327 -6.61 -1.44 12.65
CA ALA A 327 -7.10 -0.12 13.00
C ALA A 327 -8.25 0.30 12.10
N ASN A 328 -8.21 -0.10 10.83
CA ASN A 328 -9.27 0.22 9.87
C ASN A 328 -10.50 -0.65 10.04
N ARG A 329 -10.47 -1.62 10.95
CA ARG A 329 -11.65 -2.44 11.26
C ARG A 329 -11.96 -2.41 12.75
N ASP A 330 -11.43 -1.44 13.46
CA ASP A 330 -11.64 -1.33 14.91
C ASP A 330 -13.06 -0.84 15.17
N PRO A 331 -13.93 -1.64 15.80
CA PRO A 331 -15.29 -1.16 16.07
C PRO A 331 -15.35 0.01 17.04
N ARG A 332 -14.26 0.31 17.76
CA ARG A 332 -14.19 1.52 18.56
C ARG A 332 -14.23 2.77 17.70
N ARG A 333 -13.85 2.66 16.44
CA ARG A 333 -13.80 3.79 15.51
C ARG A 333 -14.79 3.68 14.36
N TRP A 334 -15.16 2.48 13.94
CA TRP A 334 -15.95 2.27 12.74
C TRP A 334 -17.24 1.53 13.06
N SER A 335 -18.34 2.00 12.47
N SER A 335 -18.33 1.97 12.45
CA SER A 335 -19.59 1.26 12.52
CA SER A 335 -19.59 1.26 12.54
C SER A 335 -19.58 0.16 11.47
C SER A 335 -19.64 0.18 11.46
N ASP A 336 -19.95 -1.05 11.87
CA ASP A 336 -19.96 -2.20 10.98
C ASP A 336 -18.65 -2.30 10.18
N PRO A 337 -17.51 -2.36 10.87
CA PRO A 337 -16.22 -2.28 10.16
C PRO A 337 -16.01 -3.40 9.14
N ASP A 338 -16.65 -4.55 9.29
N ASP A 338 -16.68 -4.53 9.31
CA ASP A 338 -16.41 -5.66 8.38
CA ASP A 338 -16.56 -5.69 8.44
C ASP A 338 -17.31 -5.64 7.17
C ASP A 338 -17.36 -5.56 7.15
N LEU A 339 -18.08 -4.57 6.99
N LEU A 339 -18.16 -4.51 7.02
CA LEU A 339 -18.95 -4.41 5.84
CA LEU A 339 -19.03 -4.31 5.87
C LEU A 339 -18.34 -3.43 4.86
C LEU A 339 -18.35 -3.39 4.86
N TYR A 340 -18.50 -3.73 3.57
CA TYR A 340 -18.06 -2.87 2.48
C TYR A 340 -19.20 -1.90 2.18
N ASP A 341 -18.96 -0.60 2.43
CA ASP A 341 -20.00 0.43 2.32
C ASP A 341 -19.43 1.57 1.48
N ILE A 342 -19.87 1.68 0.22
CA ILE A 342 -19.26 2.66 -0.68
C ILE A 342 -19.67 4.10 -0.37
N THR A 343 -20.63 4.30 0.53
CA THR A 343 -20.95 5.65 0.99
C THR A 343 -20.46 5.92 2.42
N ARG A 344 -19.66 5.02 2.99
CA ARG A 344 -19.10 5.25 4.31
C ARG A 344 -18.25 6.52 4.30
N LYS A 345 -18.29 7.27 5.40
CA LYS A 345 -17.34 8.35 5.60
C LYS A 345 -16.00 7.72 5.90
N THR A 346 -15.13 7.64 4.89
CA THR A 346 -13.86 6.93 5.00
C THR A 346 -12.74 7.80 5.55
N SER A 347 -12.95 9.11 5.65
N SER A 347 -12.94 9.12 5.64
CA SER A 347 -11.91 10.01 6.11
CA SER A 347 -11.89 10.01 6.08
C SER A 347 -11.38 9.58 7.47
C SER A 347 -11.37 9.61 7.46
N GLY A 348 -10.05 9.53 7.58
CA GLY A 348 -9.42 9.13 8.82
C GLY A 348 -8.89 7.72 8.84
N HIS A 349 -9.27 6.87 7.86
CA HIS A 349 -8.66 5.55 7.81
C HIS A 349 -7.16 5.68 7.58
N VAL A 350 -6.42 4.67 8.05
CA VAL A 350 -4.96 4.68 8.04
C VAL A 350 -4.39 3.72 7.01
N GLY A 351 -5.18 3.36 5.99
CA GLY A 351 -4.67 2.52 4.92
C GLY A 351 -3.51 3.14 4.15
N PHE A 352 -3.44 4.48 4.09
CA PHE A 352 -2.31 5.20 3.53
C PHE A 352 -1.37 5.74 4.60
N GLY A 353 -1.52 5.31 5.84
CA GLY A 353 -0.77 5.91 6.92
C GLY A 353 -1.44 7.17 7.43
N SER A 354 -0.65 7.97 8.15
CA SER A 354 -1.14 9.19 8.76
C SER A 354 0.04 10.03 9.19
N GLY A 355 -0.06 11.34 8.98
CA GLY A 355 1.01 12.19 9.44
C GLY A 355 2.05 12.45 8.37
N VAL A 356 3.31 12.65 8.79
CA VAL A 356 4.31 13.19 7.88
C VAL A 356 4.71 12.21 6.79
N HIS A 357 4.55 10.90 7.02
CA HIS A 357 4.87 9.89 6.02
C HIS A 357 3.66 9.40 5.26
N MET A 358 2.49 9.99 5.49
CA MET A 358 1.27 9.53 4.83
C MET A 358 1.50 9.45 3.33
N CYS A 359 1.12 8.32 2.74
CA CYS A 359 1.51 7.94 1.39
C CYS A 359 1.62 9.11 0.43
N VAL A 360 2.86 9.39 -0.01
CA VAL A 360 3.05 10.50 -0.94
C VAL A 360 2.47 10.19 -2.31
N GLY A 361 2.27 8.92 -2.62
CA GLY A 361 1.66 8.55 -3.88
C GLY A 361 0.17 8.34 -3.83
N GLN A 362 -0.51 8.77 -2.75
CA GLN A 362 -1.93 8.44 -2.61
C GLN A 362 -2.77 9.03 -3.73
N LEU A 363 -2.41 10.21 -4.25
CA LEU A 363 -3.21 10.78 -5.34
C LEU A 363 -3.13 9.93 -6.60
N VAL A 364 -1.98 9.31 -6.86
CA VAL A 364 -1.84 8.43 -8.02
C VAL A 364 -2.70 7.19 -7.84
N ALA A 365 -2.62 6.57 -6.66
CA ALA A 365 -3.39 5.36 -6.39
C ALA A 365 -4.89 5.64 -6.47
N ARG A 366 -5.33 6.72 -5.83
CA ARG A 366 -6.75 7.06 -5.86
C ARG A 366 -7.22 7.37 -7.28
N LEU A 367 -6.37 8.02 -8.07
CA LEU A 367 -6.76 8.30 -9.46
C LEU A 367 -6.96 7.00 -10.23
N GLU A 368 -6.01 6.07 -10.13
CA GLU A 368 -6.12 4.78 -10.81
C GLU A 368 -7.35 4.01 -10.34
N GLY A 369 -7.53 3.91 -9.02
CA GLY A 369 -8.66 3.18 -8.49
C GLY A 369 -9.98 3.81 -8.87
N GLU A 370 -10.07 5.15 -8.78
CA GLU A 370 -11.30 5.84 -9.14
C GLU A 370 -11.69 5.57 -10.58
N VAL A 371 -10.75 5.75 -11.52
CA VAL A 371 -11.16 5.67 -12.92
C VAL A 371 -11.43 4.23 -13.32
N MET A 372 -10.83 3.25 -12.65
CA MET A 372 -11.21 1.87 -12.94
C MET A 372 -12.61 1.59 -12.44
N LEU A 373 -12.90 1.99 -11.19
CA LEU A 373 -14.24 1.75 -10.66
C LEU A 373 -15.29 2.55 -11.41
N SER A 374 -14.93 3.72 -11.95
CA SER A 374 -15.84 4.47 -12.80
C SER A 374 -16.17 3.70 -14.07
N ALA A 375 -15.14 3.12 -14.71
CA ALA A 375 -15.35 2.31 -15.90
C ALA A 375 -16.25 1.13 -15.62
N LEU A 376 -16.00 0.43 -14.50
CA LEU A 376 -16.88 -0.66 -14.10
C LEU A 376 -18.30 -0.16 -13.88
N ALA A 377 -18.45 0.96 -13.17
CA ALA A 377 -19.77 1.47 -12.83
C ALA A 377 -20.60 1.76 -14.07
N ARG A 378 -19.96 2.24 -15.13
CA ARG A 378 -20.67 2.63 -16.34
C ARG A 378 -20.87 1.48 -17.31
N LYS A 379 -20.02 0.45 -17.28
CA LYS A 379 -19.98 -0.55 -18.34
C LYS A 379 -20.42 -1.94 -17.92
N VAL A 380 -20.45 -2.24 -16.64
CA VAL A 380 -20.63 -3.61 -16.15
C VAL A 380 -21.91 -3.68 -15.33
N ALA A 381 -22.75 -4.68 -15.64
CA ALA A 381 -23.99 -4.88 -14.91
C ALA A 381 -23.85 -5.87 -13.76
N ALA A 382 -22.96 -6.85 -13.89
CA ALA A 382 -22.78 -7.84 -12.84
C ALA A 382 -21.35 -8.33 -12.85
N ILE A 383 -20.87 -8.72 -11.68
CA ILE A 383 -19.56 -9.33 -11.48
C ILE A 383 -19.77 -10.57 -10.63
N ASP A 384 -19.61 -11.75 -11.23
CA ASP A 384 -19.88 -13.01 -10.57
C ASP A 384 -18.58 -13.79 -10.46
N ILE A 385 -18.21 -14.17 -9.24
CA ILE A 385 -17.08 -15.06 -9.07
C ILE A 385 -17.40 -16.39 -9.72
N ASP A 386 -16.49 -16.90 -10.54
CA ASP A 386 -16.79 -18.14 -11.24
C ASP A 386 -15.59 -19.08 -11.25
N GLY A 387 -14.78 -19.04 -10.21
CA GLY A 387 -13.63 -19.90 -10.11
C GLY A 387 -13.01 -19.78 -8.72
N PRO A 388 -12.05 -20.65 -8.43
CA PRO A 388 -11.42 -20.61 -7.10
C PRO A 388 -10.65 -19.33 -6.89
N VAL A 389 -10.88 -18.70 -5.73
CA VAL A 389 -10.18 -17.47 -5.36
C VAL A 389 -8.90 -17.86 -4.62
N LYS A 390 -7.78 -17.26 -5.01
CA LYS A 390 -6.47 -17.59 -4.44
C LYS A 390 -5.84 -16.35 -3.84
N ARG A 391 -5.30 -16.50 -2.62
CA ARG A 391 -4.64 -15.42 -1.90
C ARG A 391 -3.15 -15.43 -2.19
N ARG A 392 -2.56 -14.23 -2.24
N ARG A 392 -2.56 -14.23 -2.28
CA ARG A 392 -1.11 -14.07 -2.34
CA ARG A 392 -1.11 -14.09 -2.32
C ARG A 392 -0.56 -13.75 -0.95
C ARG A 392 -0.61 -13.82 -0.91
N PHE A 393 0.48 -14.47 -0.53
CA PHE A 393 1.06 -14.29 0.79
C PHE A 393 2.29 -13.40 0.69
N ASN A 394 2.39 -12.46 1.64
CA ASN A 394 3.46 -11.49 1.70
C ASN A 394 3.53 -11.04 3.16
N ASN A 395 4.73 -10.75 3.64
CA ASN A 395 4.89 -10.40 5.05
C ASN A 395 4.10 -9.15 5.44
N THR A 396 3.93 -8.20 4.53
CA THR A 396 3.23 -6.97 4.90
C THR A 396 2.08 -6.57 3.97
N LEU A 397 1.98 -7.16 2.78
CA LEU A 397 0.90 -6.83 1.85
C LEU A 397 -0.20 -7.88 1.90
N ARG A 398 -1.45 -7.42 1.83
CA ARG A 398 -2.60 -8.29 1.70
C ARG A 398 -3.19 -8.09 0.32
N GLY A 399 -3.45 -9.18 -0.38
CA GLY A 399 -4.05 -9.07 -1.70
C GLY A 399 -4.29 -10.45 -2.27
N LEU A 400 -5.11 -10.48 -3.33
CA LEU A 400 -5.45 -11.73 -3.97
C LEU A 400 -4.46 -12.06 -5.07
N GLU A 401 -4.24 -13.37 -5.27
N GLU A 401 -4.25 -13.37 -5.25
CA GLU A 401 -3.43 -13.82 -6.40
CA GLU A 401 -3.44 -13.88 -6.36
C GLU A 401 -4.28 -14.03 -7.65
C GLU A 401 -4.27 -14.04 -7.63
N SER A 402 -5.48 -14.57 -7.49
CA SER A 402 -6.35 -14.86 -8.62
C SER A 402 -7.80 -14.67 -8.20
N LEU A 403 -8.60 -14.10 -9.10
CA LEU A 403 -10.01 -13.79 -8.83
C LEU A 403 -10.80 -14.02 -10.11
N PRO A 404 -11.15 -15.27 -10.41
CA PRO A 404 -11.90 -15.56 -11.64
C PRO A 404 -13.30 -14.97 -11.54
N VAL A 405 -13.66 -14.13 -12.51
CA VAL A 405 -15.00 -13.53 -12.53
C VAL A 405 -15.56 -13.60 -13.93
N LYS A 406 -16.88 -13.63 -14.01
CA LYS A 406 -17.62 -13.36 -15.22
C LYS A 406 -18.15 -11.93 -15.16
N LEU A 407 -17.87 -11.15 -16.20
CA LEU A 407 -18.39 -9.80 -16.31
C LEU A 407 -19.57 -9.78 -17.26
N THR A 408 -20.69 -9.28 -16.79
CA THR A 408 -21.84 -9.08 -17.66
C THR A 408 -21.93 -7.61 -18.07
N PRO A 409 -22.03 -7.31 -19.35
CA PRO A 409 -22.06 -5.90 -19.78
C PRO A 409 -23.37 -5.23 -19.43
N ALA A 410 -23.29 -3.93 -19.15
CA ALA A 410 -24.46 -3.10 -18.94
C ALA A 410 -25.20 -2.91 -20.27
C01 MW7 B . 4.65 1.83 1.88
C02 MW7 B . 5.58 1.10 1.28
C03 MW7 B . 6.89 1.74 0.85
C04 MW7 B . 7.03 3.13 0.91
C05 MW7 B . 8.22 3.71 0.51
C06 MW7 B . 9.26 2.91 0.06
C07 MW7 B . 9.11 1.53 0.00
C08 MW7 B . 7.93 0.94 0.39
C09 MW7 B . 10.56 3.57 -0.36
O10 MW7 B . 10.75 4.80 -0.14
O11 MW7 B . 11.44 2.86 -0.91
CHA HEM C . 4.00 5.66 2.04
CHB HEM C . 0.25 2.60 1.53
CHC HEM C . 0.11 3.76 -3.18
CHD HEM C . 4.60 5.55 -2.78
C1A HEM C . 2.93 4.84 2.34
C2A HEM C . 2.45 4.50 3.66
C3A HEM C . 1.42 3.65 3.50
C4A HEM C . 1.22 3.42 2.09
CMA HEM C . 0.58 3.01 4.63
CAA HEM C . 2.99 5.04 5.01
CBA HEM C . 4.39 4.51 5.33
CGA HEM C . 4.78 4.79 6.75
O1A HEM C . 5.89 4.36 7.17
O2A HEM C . 3.98 5.45 7.46
C1B HEM C . -0.17 2.69 0.22
C2B HEM C . -1.37 2.10 -0.36
C3B HEM C . -1.39 2.42 -1.67
C4B HEM C . -0.21 3.22 -1.96
CMB HEM C . -2.38 1.26 0.45
CAB HEM C . -2.43 2.07 -2.75
CBB HEM C . -3.71 1.73 -2.49
C1C HEM C . 1.30 4.36 -3.51
C2C HEM C . 1.72 4.80 -4.82
C3C HEM C . 2.97 5.28 -4.72
C4C HEM C . 3.39 5.16 -3.32
CMC HEM C . 0.82 4.69 -6.08
CAC HEM C . 3.88 5.89 -5.81
CBC HEM C . 3.41 6.44 -6.94
C1D HEM C . 4.83 5.76 -1.44
C2D HEM C . 5.99 6.38 -0.86
C3D HEM C . 5.83 6.43 0.47
C4D HEM C . 4.55 5.82 0.78
CMD HEM C . 7.21 6.90 -1.66
CAD HEM C . 6.81 7.01 1.51
CBD HEM C . 6.25 8.36 1.97
CGD HEM C . 7.01 8.94 3.14
O1D HEM C . 6.93 10.17 3.37
O2D HEM C . 7.69 8.16 3.84
NA HEM C . 2.17 4.15 1.41
NB HEM C . 0.49 3.37 -0.78
NC HEM C . 2.34 4.60 -2.63
ND HEM C . 3.97 5.42 -0.40
FE HEM C . 2.19 4.45 -0.63
CL CL D . 17.29 -2.94 -3.68
C ACT E . -8.90 -10.15 -0.21
O ACT E . -7.72 -9.99 0.16
OXT ACT E . -9.55 -11.14 0.26
CH3 ACT E . -9.55 -9.16 -1.19
#